data_3ILF
#
_entry.id   3ILF
#
_cell.length_a   62.090
_cell.length_b   68.378
_cell.length_c   71.268
_cell.angle_alpha   90.00
_cell.angle_beta   90.00
_cell.angle_gamma   90.00
#
_symmetry.space_group_name_H-M   'P 21 21 21'
#
loop_
_entity.id
_entity.type
_entity.pdbx_description
1 polymer 'porphyranase A'
2 branched 6-O-sulfo-alpha-L-galactopyranose-(1-3)-beta-D-galactopyranose-(1-4)-6-O-sulfo-alpha-L-galactopyranose-(1-3)-alpha-D-galactopyranose
3 non-polymer 'CALCIUM ION'
4 non-polymer 'MAGNESIUM ION'
5 non-polymer 'CHLORIDE ION'
6 non-polymer 'ACETATE ION'
7 water water
#
_entity_poly.entity_id   1
_entity_poly.type   'polypeptide(L)'
_entity_poly.pdbx_seq_one_letter_code
;HHHHHHGSAQLPSPTNGKKWEKVEQLSDEFDGNSIDTNKWYDYHPFWEGRAPSNFKKGDAFVSDGFLNLRSTLRKEPSSV
QDPFKDIWVDAAAAVSKTKAQPGYYYEARFMASSLSMTSSFWFRVGQFSSIDVIEHIGDPSKENRQDDLPYQYHVNTHYY
GKHAGLQPLGTEYKMPGRGRDNFYTYGFWWKSPNELLFYFNGKQVMRIVPRVPLDEELRMIFDTEVFPFATAGVANIGLP
KPENLRDNSKNTMKVDWVRVYKLVDGTA
;
_entity_poly.pdbx_strand_id   A
#
# COMPACT_ATOMS: atom_id res chain seq x y z
N ALA A 9 -6.79 0.44 17.10
CA ALA A 9 -8.11 0.13 16.44
C ALA A 9 -8.72 -1.21 16.86
N GLN A 10 -10.03 -1.35 16.68
CA GLN A 10 -10.72 -2.51 17.21
C GLN A 10 -10.66 -3.63 16.11
N LEU A 11 -10.53 -4.87 16.55
CA LEU A 11 -10.47 -6.06 15.70
C LEU A 11 -11.86 -6.69 15.56
N PRO A 12 -12.08 -7.51 14.52
CA PRO A 12 -13.35 -8.18 14.30
C PRO A 12 -13.62 -9.05 15.52
N SER A 13 -14.87 -9.49 15.69
N SER A 13 -14.87 -9.47 15.73
CA SER A 13 -15.14 -10.54 16.68
CA SER A 13 -15.09 -10.46 16.79
C SER A 13 -14.39 -11.80 16.23
C SER A 13 -14.49 -11.79 16.31
N PRO A 14 -13.67 -12.45 17.17
CA PRO A 14 -12.92 -13.65 16.73
C PRO A 14 -13.90 -14.85 16.53
N THR A 15 -13.64 -15.69 15.53
CA THR A 15 -14.58 -16.79 15.19
C THR A 15 -14.59 -17.81 16.34
N ASN A 16 -15.79 -18.22 16.77
CA ASN A 16 -15.92 -19.39 17.63
C ASN A 16 -15.19 -19.41 18.96
N GLY A 17 -15.11 -18.29 19.64
CA GLY A 17 -14.51 -18.32 20.97
C GLY A 17 -12.99 -18.45 20.89
N LYS A 18 -12.42 -18.24 19.70
CA LYS A 18 -10.95 -18.15 19.61
C LYS A 18 -10.56 -16.73 20.03
N LYS A 19 -9.28 -16.46 20.23
CA LYS A 19 -8.85 -15.11 20.64
C LYS A 19 -7.83 -14.64 19.62
N TRP A 20 -7.67 -13.34 19.50
CA TRP A 20 -6.69 -12.84 18.57
C TRP A 20 -5.37 -12.79 19.30
N GLU A 21 -4.32 -13.25 18.65
CA GLU A 21 -3.01 -13.13 19.22
C GLU A 21 -2.11 -12.43 18.17
N LYS A 22 -1.35 -11.45 18.64
CA LYS A 22 -0.49 -10.72 17.70
C LYS A 22 0.57 -11.62 17.06
N VAL A 23 0.76 -11.48 15.74
CA VAL A 23 1.80 -12.18 15.01
C VAL A 23 2.98 -11.19 15.07
N GLU A 24 3.87 -11.42 16.02
CA GLU A 24 4.94 -10.40 16.28
C GLU A 24 5.80 -10.10 15.06
N GLN A 25 6.13 -11.09 14.21
CA GLN A 25 7.07 -10.87 13.09
C GLN A 25 6.49 -10.03 11.95
N LEU A 26 5.16 -9.88 11.96
CA LEU A 26 4.50 -8.97 10.98
C LEU A 26 3.95 -7.69 11.62
N SER A 27 4.31 -7.37 12.84
CA SER A 27 3.72 -6.19 13.50
C SER A 27 4.85 -5.29 13.95
N ASP A 28 4.58 -3.96 13.92
CA ASP A 28 5.62 -3.03 14.31
C ASP A 28 4.96 -1.69 14.61
N GLU A 29 5.38 -1.08 15.71
CA GLU A 29 4.92 0.25 16.12
C GLU A 29 5.81 1.35 15.49
N PHE A 30 6.95 0.92 14.98
CA PHE A 30 7.88 1.81 14.26
C PHE A 30 8.34 2.96 15.16
N ASP A 31 8.51 2.65 16.43
CA ASP A 31 8.78 3.69 17.42
C ASP A 31 10.26 3.71 17.77
N GLY A 32 11.09 2.99 17.03
CA GLY A 32 12.51 3.08 17.33
C GLY A 32 13.30 4.11 16.54
N ASN A 33 14.61 3.95 16.61
CA ASN A 33 15.50 4.90 15.94
C ASN A 33 15.70 4.57 14.48
N SER A 34 15.52 3.30 14.07
CA SER A 34 15.67 2.93 12.65
C SER A 34 14.89 1.64 12.41
N ILE A 35 14.79 1.24 11.14
CA ILE A 35 13.92 0.08 10.78
C ILE A 35 14.47 -1.25 11.26
N ASP A 36 13.58 -2.14 11.70
CA ASP A 36 13.95 -3.45 12.21
C ASP A 36 14.29 -4.39 11.08
N THR A 37 15.59 -4.56 10.82
CA THR A 37 15.94 -5.33 9.63
C THR A 37 15.68 -6.84 9.82
N ASN A 38 15.33 -7.27 11.04
CA ASN A 38 14.87 -8.66 11.18
C ASN A 38 13.50 -8.86 10.48
N LYS A 39 12.72 -7.80 10.45
CA LYS A 39 11.31 -7.91 10.00
C LYS A 39 11.12 -7.33 8.60
N TRP A 40 11.87 -6.27 8.27
CA TRP A 40 11.60 -5.50 7.04
C TRP A 40 12.83 -5.32 6.14
N TYR A 41 12.61 -5.42 4.84
CA TYR A 41 13.47 -4.73 3.89
C TYR A 41 13.04 -3.24 3.75
N ASP A 42 14.00 -2.30 3.74
CA ASP A 42 13.72 -0.91 3.44
C ASP A 42 13.91 -0.58 1.96
N TYR A 43 13.60 -1.59 1.14
CA TYR A 43 13.55 -1.42 -0.32
C TYR A 43 12.74 -2.65 -0.77
N HIS A 44 12.63 -2.86 -2.08
CA HIS A 44 11.87 -3.99 -2.62
C HIS A 44 12.85 -4.93 -3.31
N PRO A 45 13.16 -6.05 -2.65
CA PRO A 45 14.21 -6.94 -3.18
C PRO A 45 13.76 -7.69 -4.42
N PHE A 46 12.50 -7.62 -4.78
CA PHE A 46 11.92 -8.46 -5.84
C PHE A 46 11.44 -7.72 -7.05
N TRP A 47 11.54 -6.39 -7.01
CA TRP A 47 11.00 -5.53 -8.06
C TRP A 47 11.64 -4.18 -7.97
N GLU A 48 12.01 -3.58 -9.10
CA GLU A 48 12.69 -2.29 -9.07
C GLU A 48 11.70 -1.15 -8.87
N GLY A 49 10.41 -1.38 -9.17
CA GLY A 49 9.42 -0.24 -9.06
C GLY A 49 8.77 0.04 -10.41
N ARG A 50 7.83 0.96 -10.40
CA ARG A 50 6.99 1.25 -11.55
C ARG A 50 7.51 2.47 -12.26
N ALA A 51 8.15 2.23 -13.42
CA ALA A 51 8.66 3.36 -14.26
C ALA A 51 7.54 4.37 -14.46
N PRO A 52 7.84 5.68 -14.33
CA PRO A 52 9.18 6.37 -14.27
C PRO A 52 9.68 6.50 -12.80
N SER A 53 9.10 5.74 -11.85
CA SER A 53 9.72 5.65 -10.50
C SER A 53 10.50 4.31 -10.36
N ASN A 54 11.55 4.28 -9.51
CA ASN A 54 12.09 3.01 -8.99
C ASN A 54 12.31 3.23 -7.52
N PHE A 55 12.18 2.18 -6.71
CA PHE A 55 12.46 2.32 -5.28
C PHE A 55 13.94 2.63 -5.01
N LYS A 56 14.17 3.53 -4.07
CA LYS A 56 15.54 3.85 -3.62
C LYS A 56 15.64 3.35 -2.17
N LYS A 57 16.63 2.51 -1.93
CA LYS A 57 16.86 1.94 -0.62
C LYS A 57 16.95 3.07 0.39
N GLY A 58 16.22 2.92 1.48
CA GLY A 58 16.26 3.90 2.56
C GLY A 58 15.28 5.08 2.42
N ASP A 59 14.59 5.19 1.28
CA ASP A 59 13.52 6.22 1.17
C ASP A 59 12.36 5.81 2.03
N ALA A 60 12.35 4.51 2.40
CA ALA A 60 11.52 4.01 3.50
C ALA A 60 12.40 3.99 4.72
N PHE A 61 12.01 4.70 5.79
CA PHE A 61 12.88 4.77 6.97
C PHE A 61 12.03 5.01 8.18
N VAL A 62 12.51 4.52 9.32
CA VAL A 62 11.79 4.69 10.60
C VAL A 62 12.31 5.91 11.36
N SER A 63 11.39 6.81 11.74
CA SER A 63 11.76 8.03 12.47
C SER A 63 10.51 8.67 13.03
N ASP A 64 10.59 9.28 14.24
CA ASP A 64 9.43 10.11 14.76
C ASP A 64 8.16 9.30 15.03
N GLY A 65 8.33 7.99 15.14
CA GLY A 65 7.25 7.06 15.48
C GLY A 65 6.58 6.44 14.26
N PHE A 66 7.17 6.60 13.08
CA PHE A 66 6.44 6.20 11.84
C PHE A 66 7.45 5.43 11.04
N LEU A 67 6.90 4.52 10.20
CA LEU A 67 7.67 4.09 9.04
C LEU A 67 7.33 5.13 7.98
N ASN A 68 8.36 5.86 7.54
CA ASN A 68 8.16 7.01 6.61
C ASN A 68 8.47 6.53 5.18
N LEU A 69 7.55 6.69 4.23
CA LEU A 69 7.90 6.25 2.89
C LEU A 69 7.94 7.49 2.02
N ARG A 70 9.16 7.97 1.77
CA ARG A 70 9.29 9.27 1.13
C ARG A 70 9.60 9.09 -0.35
N SER A 71 9.04 9.92 -1.22
CA SER A 71 9.38 9.84 -2.70
C SER A 71 10.05 11.20 -2.99
N THR A 72 11.19 11.11 -3.67
CA THR A 72 12.04 12.28 -3.91
C THR A 72 12.37 12.41 -5.38
N LEU A 73 12.99 13.54 -5.75
CA LEU A 73 13.29 13.80 -7.18
C LEU A 73 14.63 13.20 -7.50
N ARG A 74 14.66 12.23 -8.39
CA ARG A 74 15.94 11.72 -8.87
CA ARG A 74 15.94 11.72 -8.87
C ARG A 74 16.58 12.61 -9.95
N LYS A 75 15.80 13.01 -10.97
CA LYS A 75 16.22 13.84 -12.08
C LYS A 75 15.07 14.81 -12.39
N GLU A 76 15.41 15.96 -12.96
CA GLU A 76 14.32 16.84 -13.44
C GLU A 76 13.55 16.07 -14.54
N PRO A 77 12.22 16.13 -14.51
CA PRO A 77 11.55 15.36 -15.58
C PRO A 77 11.78 16.00 -16.96
N SER A 78 12.03 17.32 -17.02
CA SER A 78 12.40 17.96 -18.30
C SER A 78 13.82 17.59 -18.73
N SER A 79 14.59 16.84 -17.93
CA SER A 79 15.97 16.42 -18.26
CA SER A 79 15.94 16.43 -18.31
C SER A 79 16.03 15.02 -18.84
N VAL A 80 14.93 14.28 -18.80
CA VAL A 80 15.03 12.90 -19.30
C VAL A 80 14.30 12.81 -20.65
N GLN A 81 14.51 11.72 -21.40
CA GLN A 81 13.88 11.68 -22.71
C GLN A 81 12.34 11.71 -22.65
N ASP A 82 11.76 10.82 -21.85
CA ASP A 82 10.30 10.70 -21.73
C ASP A 82 9.96 10.56 -20.26
N PRO A 83 9.32 11.59 -19.63
CA PRO A 83 9.00 11.52 -18.18
C PRO A 83 7.90 10.53 -17.87
N PHE A 84 7.24 9.94 -18.87
CA PHE A 84 6.41 8.79 -18.58
C PHE A 84 7.11 7.43 -18.50
N LYS A 85 8.42 7.37 -18.77
CA LYS A 85 9.12 6.12 -18.89
C LYS A 85 10.49 6.17 -18.21
N ASP A 86 11.34 7.12 -18.60
CA ASP A 86 12.70 7.13 -18.04
C ASP A 86 12.64 7.45 -16.54
N ILE A 87 13.58 6.89 -15.77
CA ILE A 87 13.36 6.99 -14.33
C ILE A 87 13.79 8.35 -13.83
N TRP A 88 12.85 9.07 -13.18
CA TRP A 88 13.27 10.34 -12.56
C TRP A 88 12.70 10.55 -11.16
N VAL A 89 11.97 9.56 -10.65
CA VAL A 89 11.43 9.62 -9.31
C VAL A 89 12.06 8.47 -8.52
N ASP A 90 12.57 8.81 -7.33
CA ASP A 90 13.00 7.85 -6.36
C ASP A 90 11.87 7.54 -5.37
N ALA A 91 11.23 6.38 -5.55
CA ALA A 91 10.08 5.93 -4.71
C ALA A 91 10.54 5.17 -3.44
N ALA A 92 9.60 4.68 -2.61
CA ALA A 92 9.97 4.04 -1.33
C ALA A 92 9.23 2.71 -1.29
N ALA A 93 9.84 1.71 -0.64
CA ALA A 93 9.15 0.43 -0.43
C ALA A 93 9.73 -0.21 0.85
N ALA A 94 8.84 -0.89 1.61
CA ALA A 94 9.27 -1.75 2.70
C ALA A 94 8.56 -3.07 2.47
N VAL A 95 9.28 -4.20 2.62
CA VAL A 95 8.69 -5.48 2.31
C VAL A 95 9.00 -6.40 3.49
N SER A 96 7.99 -7.24 3.84
CA SER A 96 8.14 -8.13 4.99
C SER A 96 9.08 -9.29 4.68
N LYS A 97 9.87 -9.64 5.68
CA LYS A 97 10.66 -10.89 5.60
C LYS A 97 9.84 -12.13 5.90
N THR A 98 8.87 -12.04 6.82
CA THR A 98 7.91 -13.15 7.14
C THR A 98 6.74 -13.09 6.13
N LYS A 99 6.21 -14.25 5.73
CA LYS A 99 5.07 -14.26 4.84
C LYS A 99 3.75 -13.99 5.55
N ALA A 100 2.86 -13.28 4.85
CA ALA A 100 1.47 -13.14 5.23
C ALA A 100 0.71 -14.40 4.84
N GLN A 101 -0.25 -14.82 5.66
CA GLN A 101 -0.93 -16.13 5.48
C GLN A 101 -2.43 -15.88 5.45
N PRO A 102 -3.16 -16.73 4.68
CA PRO A 102 -4.62 -16.75 4.82
C PRO A 102 -5.02 -16.91 6.30
N GLY A 103 -6.12 -16.25 6.66
CA GLY A 103 -6.67 -16.44 7.99
C GLY A 103 -6.35 -15.28 8.91
N TYR A 104 -5.23 -14.57 8.67
CA TYR A 104 -4.82 -13.50 9.61
C TYR A 104 -5.66 -12.24 9.37
N TYR A 105 -5.65 -11.40 10.42
CA TYR A 105 -6.16 -10.01 10.36
C TYR A 105 -4.99 -9.03 10.25
N TYR A 106 -5.04 -8.09 9.30
CA TYR A 106 -3.92 -7.17 9.06
C TYR A 106 -4.46 -5.78 9.25
N GLU A 107 -3.72 -4.88 9.91
CA GLU A 107 -4.25 -3.48 9.87
C GLU A 107 -3.10 -2.49 9.95
N ALA A 108 -3.20 -1.39 9.17
CA ALA A 108 -2.11 -0.37 9.23
C ALA A 108 -2.79 0.97 9.42
N ARG A 109 -2.21 1.77 10.30
CA ARG A 109 -2.69 3.13 10.45
CA ARG A 109 -2.65 3.15 10.53
C ARG A 109 -1.69 4.05 9.78
N PHE A 110 -2.16 4.80 8.77
CA PHE A 110 -1.22 5.67 8.04
C PHE A 110 -1.89 6.86 7.46
N MET A 111 -1.06 7.91 7.20
CA MET A 111 -1.52 9.12 6.51
C MET A 111 -0.84 9.12 5.16
N ALA A 112 -1.63 9.21 4.10
CA ALA A 112 -1.00 9.26 2.73
C ALA A 112 -0.07 10.48 2.52
N SER A 113 0.92 10.32 1.61
CA SER A 113 1.60 11.50 1.05
C SER A 113 0.61 12.47 0.36
N SER A 114 1.11 13.67 0.11
CA SER A 114 0.37 14.67 -0.72
C SER A 114 0.99 14.82 -2.11
N LEU A 115 1.23 13.67 -2.79
CA LEU A 115 1.87 13.60 -4.08
C LEU A 115 0.88 12.98 -5.04
N SER A 116 1.11 13.16 -6.35
CA SER A 116 0.36 12.41 -7.39
C SER A 116 1.12 11.07 -7.57
N MET A 117 1.09 10.26 -6.51
CA MET A 117 1.71 8.92 -6.46
C MET A 117 0.89 8.15 -5.48
N THR A 118 1.01 6.82 -5.48
CA THR A 118 0.25 6.03 -4.51
C THR A 118 0.92 6.07 -3.16
N SER A 119 0.08 5.88 -2.14
CA SER A 119 0.49 5.49 -0.75
C SER A 119 -0.21 4.16 -0.53
N SER A 120 0.52 3.06 -0.59
CA SER A 120 -0.18 1.76 -0.71
C SER A 120 0.19 0.72 0.36
N PHE A 121 -0.77 -0.14 0.62
CA PHE A 121 -0.59 -1.28 1.57
C PHE A 121 -1.14 -2.48 0.83
N TRP A 122 -0.30 -3.48 0.61
CA TRP A 122 -0.71 -4.60 -0.30
C TRP A 122 0.21 -5.84 -0.06
N PHE A 123 -0.05 -6.91 -0.83
CA PHE A 123 0.54 -8.26 -0.66
C PHE A 123 0.84 -8.85 -2.00
N ARG A 124 2.09 -9.29 -2.20
CA ARG A 124 2.40 -9.97 -3.46
C ARG A 124 3.65 -10.81 -3.27
N VAL A 125 4.53 -10.81 -4.31
CA VAL A 125 5.73 -11.70 -4.32
C VAL A 125 5.23 -13.14 -4.20
N GLY A 126 4.15 -13.43 -4.91
CA GLY A 126 3.55 -14.82 -4.86
C GLY A 126 3.75 -15.46 -6.22
N GLN A 127 3.06 -16.57 -6.43
CA GLN A 127 3.01 -17.24 -7.75
C GLN A 127 1.84 -16.89 -8.61
N PHE A 128 0.69 -16.52 -8.03
CA PHE A 128 -0.49 -16.24 -8.87
C PHE A 128 -1.44 -15.16 -8.35
N SER A 129 -1.13 -14.52 -7.17
CA SER A 129 -2.13 -13.56 -6.65
C SER A 129 -1.51 -12.31 -6.03
N SER A 130 -2.33 -11.25 -5.98
CA SER A 130 -2.02 -10.09 -5.15
C SER A 130 -3.31 -9.58 -4.52
N ILE A 131 -3.16 -8.94 -3.35
CA ILE A 131 -4.30 -8.36 -2.61
C ILE A 131 -3.83 -6.93 -2.29
N ASP A 132 -4.57 -5.92 -2.79
CA ASP A 132 -4.27 -4.55 -2.45
C ASP A 132 -5.30 -4.10 -1.43
N VAL A 133 -4.86 -3.74 -0.22
CA VAL A 133 -5.78 -3.24 0.75
C VAL A 133 -6.16 -1.78 0.39
N ILE A 134 -5.17 -1.00 0.03
CA ILE A 134 -5.45 0.37 -0.45
C ILE A 134 -4.30 0.86 -1.33
N GLU A 135 -4.66 1.56 -2.40
CA GLU A 135 -3.60 2.22 -3.22
C GLU A 135 -4.06 3.68 -3.35
N HIS A 136 -3.69 4.51 -2.40
CA HIS A 136 -4.35 5.81 -2.24
C HIS A 136 -3.54 6.87 -3.01
N ILE A 137 -4.26 7.66 -3.82
CA ILE A 137 -3.61 8.73 -4.58
C ILE A 137 -3.82 10.02 -3.81
N GLY A 138 -2.85 10.43 -2.96
CA GLY A 138 -3.08 11.52 -2.01
C GLY A 138 -3.44 12.85 -2.69
N ASP A 139 -2.79 13.17 -3.80
CA ASP A 139 -2.96 14.48 -4.46
C ASP A 139 -2.67 14.37 -5.97
N PRO A 140 -3.64 13.89 -6.77
CA PRO A 140 -3.50 13.61 -8.17
C PRO A 140 -3.20 14.96 -8.85
N SER A 141 -2.22 14.97 -9.78
CA SER A 141 -1.95 16.19 -10.52
C SER A 141 -2.97 16.47 -11.65
N LYS A 142 -3.67 15.45 -12.14
CA LYS A 142 -4.83 15.63 -13.04
C LYS A 142 -5.96 16.19 -12.19
N GLU A 143 -6.22 17.50 -12.34
CA GLU A 143 -6.95 18.17 -11.26
C GLU A 143 -8.45 17.79 -11.21
N ASN A 144 -8.96 17.24 -12.31
CA ASN A 144 -10.34 16.77 -12.31
C ASN A 144 -10.53 15.51 -11.49
N ARG A 145 -9.45 14.99 -10.90
CA ARG A 145 -9.53 13.82 -10.00
C ARG A 145 -9.44 14.19 -8.50
N GLN A 146 -9.29 15.48 -8.17
CA GLN A 146 -9.17 15.91 -6.75
C GLN A 146 -10.44 15.76 -5.95
N ASP A 147 -11.59 15.75 -6.63
CA ASP A 147 -12.85 15.67 -5.89
C ASP A 147 -13.20 14.20 -5.68
N ASP A 148 -12.42 13.32 -6.28
CA ASP A 148 -12.69 11.96 -6.02
C ASP A 148 -11.56 11.12 -5.43
N LEU A 149 -10.41 11.03 -6.06
CA LEU A 149 -9.35 10.11 -5.56
C LEU A 149 -8.86 10.31 -4.13
N PRO A 150 -8.73 11.58 -3.67
CA PRO A 150 -8.24 11.75 -2.32
C PRO A 150 -9.20 11.24 -1.26
N TYR A 151 -10.47 10.94 -1.59
CA TYR A 151 -11.38 10.32 -0.61
C TYR A 151 -11.52 8.79 -0.80
N GLN A 152 -10.78 8.19 -1.73
CA GLN A 152 -11.12 6.82 -2.05
C GLN A 152 -10.23 5.80 -1.31
N TYR A 153 -10.90 4.81 -0.74
CA TYR A 153 -10.22 3.60 -0.15
C TYR A 153 -10.58 2.45 -1.12
N HIS A 154 -9.67 2.15 -2.06
CA HIS A 154 -9.94 1.24 -3.17
C HIS A 154 -9.15 -0.06 -2.89
N VAL A 155 -9.83 -1.21 -2.81
CA VAL A 155 -9.17 -2.50 -2.54
C VAL A 155 -9.19 -3.30 -3.86
N ASN A 156 -8.32 -4.29 -4.02
CA ASN A 156 -8.27 -4.96 -5.30
C ASN A 156 -7.62 -6.36 -5.11
N THR A 157 -7.89 -7.27 -6.06
CA THR A 157 -7.17 -8.52 -6.18
C THR A 157 -6.75 -8.64 -7.64
N HIS A 158 -5.61 -9.32 -7.87
CA HIS A 158 -5.03 -9.59 -9.17
C HIS A 158 -4.65 -11.05 -9.27
N TYR A 159 -4.60 -11.54 -10.53
CA TYR A 159 -4.43 -12.99 -10.79
C TYR A 159 -3.45 -13.08 -11.91
N TYR A 160 -2.42 -13.91 -11.75
CA TYR A 160 -1.37 -14.06 -12.73
C TYR A 160 -0.83 -15.52 -12.71
N GLY A 161 0.28 -15.77 -13.39
CA GLY A 161 0.90 -17.14 -13.30
C GLY A 161 -0.12 -18.14 -13.84
N LYS A 162 -0.33 -19.25 -13.14
CA LYS A 162 -1.33 -20.28 -13.51
C LYS A 162 -2.73 -19.69 -13.72
N HIS A 163 -3.01 -18.50 -13.15
CA HIS A 163 -4.29 -17.83 -13.36
C HIS A 163 -4.28 -16.52 -14.17
N ALA A 164 -3.25 -16.27 -14.97
CA ALA A 164 -3.23 -15.13 -15.91
C ALA A 164 -4.43 -15.27 -16.83
N GLY A 165 -5.02 -14.13 -17.23
CA GLY A 165 -6.25 -14.10 -18.03
C GLY A 165 -7.40 -13.53 -17.20
N LEU A 166 -7.38 -13.81 -15.88
CA LEU A 166 -8.46 -13.31 -15.03
C LEU A 166 -8.30 -11.82 -14.74
N GLN A 167 -9.40 -11.06 -14.83
CA GLN A 167 -9.40 -9.61 -14.65
C GLN A 167 -9.27 -9.34 -13.15
N PRO A 168 -8.77 -8.15 -12.77
CA PRO A 168 -8.83 -7.76 -11.32
C PRO A 168 -10.24 -7.73 -10.80
N LEU A 169 -10.40 -7.90 -9.48
CA LEU A 169 -11.65 -7.80 -8.84
C LEU A 169 -11.49 -7.00 -7.56
N GLY A 170 -12.20 -5.88 -7.51
CA GLY A 170 -11.99 -4.90 -6.46
C GLY A 170 -13.25 -4.10 -6.18
N THR A 171 -13.14 -3.16 -5.27
CA THR A 171 -14.24 -2.24 -4.97
C THR A 171 -13.67 -1.06 -4.24
N GLU A 172 -14.52 -0.11 -3.87
CA GLU A 172 -14.03 1.03 -3.11
C GLU A 172 -15.06 1.63 -2.16
N TYR A 173 -14.54 2.46 -1.26
CA TYR A 173 -15.30 3.16 -0.25
C TYR A 173 -14.87 4.60 -0.17
N LYS A 174 -15.87 5.49 0.03
CA LYS A 174 -15.57 6.90 0.03
C LYS A 174 -15.41 7.33 1.45
N MET A 175 -14.20 7.78 1.80
CA MET A 175 -13.87 8.16 3.18
C MET A 175 -14.43 9.58 3.48
N PRO A 176 -14.62 9.87 4.75
CA PRO A 176 -15.25 11.20 5.15
C PRO A 176 -14.25 12.37 4.94
N GLY A 177 -12.95 12.03 4.87
CA GLY A 177 -11.89 13.04 4.79
C GLY A 177 -10.77 12.47 3.93
N ARG A 178 -9.83 13.31 3.52
CA ARG A 178 -8.83 12.89 2.53
C ARG A 178 -7.79 12.02 3.19
N GLY A 179 -7.27 11.07 2.42
CA GLY A 179 -6.19 10.22 2.95
C GLY A 179 -4.95 11.05 3.32
N ARG A 180 -4.68 12.15 2.60
CA ARG A 180 -3.46 12.94 2.86
C ARG A 180 -3.62 13.84 4.10
N ASP A 181 -4.88 13.99 4.56
CA ASP A 181 -5.17 14.85 5.73
C ASP A 181 -5.34 14.08 7.06
N ASN A 182 -5.34 12.75 6.98
CA ASN A 182 -5.70 11.93 8.12
C ASN A 182 -4.84 10.69 8.31
N PHE A 183 -4.56 10.35 9.56
CA PHE A 183 -4.21 8.96 9.91
C PHE A 183 -5.48 8.17 10.04
N TYR A 184 -5.64 7.19 9.17
CA TYR A 184 -6.81 6.34 9.26
C TYR A 184 -6.28 4.91 9.38
N THR A 185 -7.13 4.01 9.93
CA THR A 185 -6.69 2.61 10.14
C THR A 185 -7.41 1.74 9.08
N TYR A 186 -6.61 1.14 8.18
CA TYR A 186 -7.17 0.33 7.12
C TYR A 186 -6.96 -1.11 7.54
N GLY A 187 -8.05 -1.85 7.67
CA GLY A 187 -7.98 -3.22 8.19
C GLY A 187 -8.39 -4.24 7.13
N PHE A 188 -7.84 -5.44 7.23
CA PHE A 188 -8.10 -6.45 6.20
C PHE A 188 -8.11 -7.83 6.87
N TRP A 189 -9.24 -8.52 6.82
CA TRP A 189 -9.30 -9.88 7.37
C TRP A 189 -9.27 -10.84 6.16
N TRP A 190 -8.17 -11.61 6.07
CA TRP A 190 -8.03 -12.62 5.00
C TRP A 190 -8.79 -13.82 5.55
N LYS A 191 -10.09 -13.67 5.62
CA LYS A 191 -10.89 -14.60 6.49
C LYS A 191 -10.88 -16.04 5.95
N SER A 192 -11.03 -16.16 4.64
CA SER A 192 -10.95 -17.39 3.93
C SER A 192 -10.18 -17.16 2.63
N PRO A 193 -9.64 -18.23 1.97
CA PRO A 193 -9.18 -18.04 0.58
C PRO A 193 -10.24 -17.45 -0.32
N ASN A 194 -11.52 -17.68 0.02
CA ASN A 194 -12.65 -17.18 -0.80
C ASN A 194 -13.40 -16.02 -0.17
N GLU A 195 -12.85 -15.39 0.90
CA GLU A 195 -13.57 -14.25 1.47
C GLU A 195 -12.59 -13.26 2.06
N LEU A 196 -12.53 -12.07 1.45
CA LEU A 196 -11.71 -10.97 2.02
C LEU A 196 -12.63 -9.90 2.59
N LEU A 197 -12.38 -9.50 3.85
CA LEU A 197 -13.22 -8.45 4.45
C LEU A 197 -12.31 -7.25 4.72
N PHE A 198 -12.81 -6.05 4.42
CA PHE A 198 -12.02 -4.80 4.64
C PHE A 198 -12.70 -3.81 5.59
N TYR A 199 -11.88 -3.11 6.37
CA TYR A 199 -12.39 -2.33 7.50
C TYR A 199 -11.80 -0.92 7.37
N PHE A 200 -12.57 0.07 7.84
CA PHE A 200 -12.14 1.47 7.86
C PHE A 200 -12.39 1.92 9.31
N ASN A 201 -11.30 2.22 10.02
CA ASN A 201 -11.36 2.64 11.43
C ASN A 201 -12.17 1.66 12.24
N GLY A 202 -11.97 0.37 11.97
CA GLY A 202 -12.67 -0.68 12.72
C GLY A 202 -14.06 -1.09 12.34
N LYS A 203 -14.65 -0.49 11.32
CA LYS A 203 -15.98 -0.85 10.83
C LYS A 203 -15.82 -1.62 9.54
N GLN A 204 -16.48 -2.78 9.42
CA GLN A 204 -16.45 -3.46 8.13
C GLN A 204 -17.16 -2.63 7.03
N VAL A 205 -16.44 -2.33 5.95
CA VAL A 205 -16.95 -1.55 4.83
C VAL A 205 -16.99 -2.23 3.48
N MET A 206 -16.09 -3.21 3.23
CA MET A 206 -16.06 -3.87 1.89
C MET A 206 -15.83 -5.35 2.04
N ARG A 207 -16.22 -6.10 1.00
CA ARG A 207 -16.02 -7.53 0.95
C ARG A 207 -15.69 -7.97 -0.50
N ILE A 208 -14.70 -8.85 -0.69
CA ILE A 208 -14.45 -9.34 -2.02
C ILE A 208 -14.44 -10.84 -1.90
N VAL A 209 -15.15 -11.53 -2.83
CA VAL A 209 -14.99 -12.94 -2.96
C VAL A 209 -14.04 -13.10 -4.15
N PRO A 210 -12.79 -13.57 -3.90
CA PRO A 210 -11.86 -13.58 -5.04
C PRO A 210 -12.25 -14.55 -6.14
N ARG A 211 -11.75 -14.29 -7.37
CA ARG A 211 -12.22 -15.12 -8.52
C ARG A 211 -11.76 -16.58 -8.43
N VAL A 212 -10.65 -16.84 -7.75
CA VAL A 212 -10.16 -18.17 -7.44
C VAL A 212 -9.62 -18.10 -6.02
N PRO A 213 -9.44 -19.25 -5.32
CA PRO A 213 -9.03 -19.20 -3.91
C PRO A 213 -7.66 -18.54 -3.77
N LEU A 214 -7.60 -17.54 -2.89
CA LEU A 214 -6.35 -16.92 -2.52
C LEU A 214 -5.75 -17.73 -1.33
N ASP A 215 -5.13 -18.87 -1.66
CA ASP A 215 -4.66 -19.75 -0.63
C ASP A 215 -3.13 -19.85 -0.60
N GLU A 216 -2.41 -18.92 -1.27
CA GLU A 216 -0.94 -18.96 -1.17
C GLU A 216 -0.43 -17.84 -0.24
N GLU A 217 0.73 -18.07 0.38
CA GLU A 217 1.33 -17.06 1.27
C GLU A 217 1.91 -15.94 0.37
N LEU A 218 1.95 -14.69 0.88
CA LEU A 218 2.38 -13.53 0.10
C LEU A 218 3.24 -12.70 1.02
N ARG A 219 4.08 -11.83 0.46
CA ARG A 219 4.74 -10.89 1.38
C ARG A 219 3.87 -9.63 1.57
N MET A 220 4.01 -8.97 2.74
CA MET A 220 3.25 -7.73 3.02
C MET A 220 4.12 -6.51 2.69
N ILE A 221 3.52 -5.50 2.04
CA ILE A 221 4.29 -4.43 1.45
C ILE A 221 3.64 -3.03 1.66
N PHE A 222 4.48 -2.01 1.96
CA PHE A 222 4.07 -0.58 1.90
C PHE A 222 4.91 0.00 0.78
N ASP A 223 4.31 0.76 -0.15
CA ASP A 223 5.17 1.39 -1.10
C ASP A 223 4.56 2.65 -1.68
N THR A 224 5.33 3.22 -2.59
CA THR A 224 4.82 4.39 -3.34
C THR A 224 5.21 4.21 -4.79
N GLU A 225 4.35 4.69 -5.69
CA GLU A 225 4.60 4.46 -7.16
C GLU A 225 4.06 5.59 -7.96
N VAL A 226 4.75 5.91 -9.06
CA VAL A 226 4.15 6.77 -10.12
C VAL A 226 3.35 5.84 -11.05
N PHE A 227 2.17 6.28 -11.50
CA PHE A 227 1.41 5.55 -12.58
C PHE A 227 1.40 6.41 -13.82
N PRO A 228 2.19 6.05 -14.84
CA PRO A 228 2.20 6.89 -16.07
C PRO A 228 0.92 6.78 -16.97
N PHE A 229 0.08 5.81 -16.76
CA PHE A 229 -1.25 5.82 -17.47
C PHE A 229 -2.11 4.87 -16.69
N ALA A 230 -3.41 4.79 -16.93
CA ALA A 230 -4.25 3.81 -16.23
C ALA A 230 -3.67 2.41 -16.41
N THR A 231 -3.59 1.63 -15.33
N THR A 231 -3.69 1.67 -15.31
CA THR A 231 -3.03 0.27 -15.44
CA THR A 231 -2.94 0.41 -15.16
C THR A 231 -2.98 -0.49 -14.10
C THR A 231 -3.74 -0.88 -14.98
N ALA A 232 -2.89 -1.83 -14.15
N ALA A 232 -2.99 -1.93 -14.68
CA ALA A 232 -3.02 -2.72 -12.98
CA ALA A 232 -3.57 -3.10 -14.05
C ALA A 232 -3.89 -2.21 -11.82
C ALA A 232 -4.99 -2.73 -13.68
N GLY A 233 -5.16 -1.92 -12.10
N GLY A 233 -5.13 -1.86 -12.68
CA GLY A 233 -6.14 -1.47 -11.11
CA GLY A 233 -6.40 -1.20 -12.36
C GLY A 233 -6.26 0.02 -10.81
C GLY A 233 -6.26 0.32 -12.34
N VAL A 234 -5.39 0.80 -11.44
CA VAL A 234 -5.17 2.27 -11.13
C VAL A 234 -5.55 3.27 -12.25
N ALA A 235 -6.27 4.34 -11.88
CA ALA A 235 -6.63 5.33 -12.87
C ALA A 235 -5.44 6.14 -13.46
N ASN A 236 -5.79 7.00 -14.44
CA ASN A 236 -5.00 8.16 -15.00
C ASN A 236 -4.84 9.40 -14.01
N ILE A 237 -3.80 9.36 -13.19
CA ILE A 237 -3.76 10.27 -12.08
C ILE A 237 -2.90 11.52 -12.32
N GLY A 238 -1.98 11.43 -13.30
CA GLY A 238 -1.01 12.52 -13.59
C GLY A 238 0.34 12.24 -12.95
N LEU A 239 1.39 12.73 -13.59
CA LEU A 239 2.73 12.65 -13.01
C LEU A 239 2.89 13.60 -11.84
N PRO A 240 3.74 13.25 -10.85
CA PRO A 240 3.93 14.15 -9.70
C PRO A 240 4.77 15.38 -10.09
N LYS A 241 4.74 16.39 -9.22
CA LYS A 241 5.37 17.68 -9.46
C LYS A 241 6.70 17.71 -8.68
N PRO A 242 7.79 18.10 -9.36
CA PRO A 242 9.07 18.29 -8.65
C PRO A 242 8.96 19.18 -7.39
N GLU A 243 8.19 20.25 -7.45
N GLU A 243 8.15 20.25 -7.48
CA GLU A 243 8.14 21.09 -6.24
CA GLU A 243 7.95 21.16 -6.32
C GLU A 243 7.50 20.36 -5.01
C GLU A 243 7.41 20.43 -5.04
N ASN A 244 6.64 19.36 -5.26
CA ASN A 244 6.04 18.58 -4.15
C ASN A 244 7.00 17.44 -3.74
N LEU A 245 7.75 16.85 -4.68
CA LEU A 245 8.71 15.79 -4.36
C LEU A 245 9.85 16.39 -3.51
N ARG A 246 10.15 17.68 -3.75
CA ARG A 246 11.21 18.37 -2.98
C ARG A 246 10.74 18.76 -1.57
N ASP A 247 9.44 18.70 -1.31
CA ASP A 247 8.91 19.28 -0.04
C ASP A 247 8.65 18.18 0.97
N ASN A 248 9.46 18.10 1.99
CA ASN A 248 9.25 17.05 3.03
C ASN A 248 7.96 17.10 3.79
N SER A 249 7.18 18.16 3.65
CA SER A 249 5.92 18.20 4.32
C SER A 249 4.83 17.57 3.46
N LYS A 250 5.14 17.24 2.18
CA LYS A 250 4.14 16.68 1.29
C LYS A 250 4.57 15.28 0.72
N ASN A 251 5.86 14.96 0.73
CA ASN A 251 6.37 13.87 -0.10
C ASN A 251 6.42 12.55 0.64
N THR A 252 5.84 12.48 1.84
CA THR A 252 6.07 11.30 2.71
C THR A 252 4.75 10.69 3.18
N MET A 253 4.56 9.42 2.89
CA MET A 253 3.53 8.57 3.48
C MET A 253 4.03 8.14 4.89
N LYS A 254 3.21 8.30 5.94
CA LYS A 254 3.71 7.95 7.31
C LYS A 254 2.84 6.83 7.89
N VAL A 255 3.43 5.68 8.17
CA VAL A 255 2.69 4.56 8.76
C VAL A 255 3.03 4.59 10.22
N ASP A 256 2.02 4.82 11.07
CA ASP A 256 2.28 4.91 12.54
C ASP A 256 2.53 3.49 13.04
N TRP A 257 1.82 2.52 12.48
CA TRP A 257 2.03 1.15 12.90
C TRP A 257 1.34 0.20 12.01
N VAL A 258 1.84 -1.04 12.02
CA VAL A 258 1.17 -2.18 11.39
C VAL A 258 1.00 -3.30 12.44
N ARG A 259 -0.19 -3.91 12.46
CA ARG A 259 -0.43 -4.98 13.45
C ARG A 259 -1.10 -6.10 12.73
N VAL A 260 -0.66 -7.32 13.04
CA VAL A 260 -1.25 -8.50 12.39
C VAL A 260 -1.58 -9.53 13.48
N TYR A 261 -2.75 -10.21 13.35
CA TYR A 261 -3.22 -11.11 14.43
C TYR A 261 -3.71 -12.40 13.80
N LYS A 262 -3.63 -13.49 14.57
CA LYS A 262 -4.12 -14.81 14.10
C LYS A 262 -5.00 -15.33 15.17
N LEU A 263 -5.88 -16.26 14.79
CA LEU A 263 -6.80 -16.77 15.82
C LEU A 263 -6.15 -17.93 16.49
N VAL A 264 -6.26 -17.97 17.82
CA VAL A 264 -5.59 -19.04 18.60
C VAL A 264 -6.60 -19.68 19.57
N ASP A 265 -6.23 -20.91 19.98
CA ASP A 265 -6.94 -21.84 20.89
C ASP A 265 -7.82 -22.89 20.13
#